data_4XOD
#
_entry.id   4XOD
#
_cell.length_a   99.310
_cell.length_b   35.540
_cell.length_c   72.790
_cell.angle_alpha   90.00
_cell.angle_beta   105.80
_cell.angle_gamma   90.00
#
_symmetry.space_group_name_H-M   'C 1 2 1'
#
loop_
_entity.id
_entity.type
_entity.pdbx_description
1 polymer 'FimG protein'
2 polymer 'FimH protein'
3 water water
#
loop_
_entity_poly.entity_id
_entity_poly.type
_entity_poly.pdbx_seq_one_letter_code
_entity_poly.pdbx_strand_id
1 'polypeptide(L)' ADVTITVNGKVVAK B
2 'polypeptide(L)'
;FACKTANGTAIPIGGGSANVYVNLAPAVNVGQNLVVDLSTQIFCHNDYPETITDYVTLQRGSAYGGVLSSFSGTVKYNGS
SYPFPTTSETPRVVYNSRTDKPWPVALYLTPVSSAGGVAIKAGSLIAVLILRQTNNYNSDDFQFVWNIYANNDVVVPTGG
CDVSARDVTVTLPDYPGSVPIPLTVYCAKSQNLGYYLSGTTADAGNSIFTNTASFSPAQGVGVQLTRNGTIIPANNTVSL
GAVGTSAVSLGLTANYARTGGQVTAGNVQSIIGVTFVYQ
;
A
#
# COMPACT_ATOMS: atom_id res chain seq x y z
N ALA A 1 -8.37 4.98 -9.03
CA ALA A 1 -9.17 4.90 -7.82
C ALA A 1 -8.35 4.28 -6.70
N ASP A 2 -8.83 4.42 -5.47
CA ASP A 2 -8.15 3.86 -4.30
C ASP A 2 -8.52 2.41 -4.01
N VAL A 3 -9.75 2.04 -4.34
CA VAL A 3 -10.27 0.68 -4.17
C VAL A 3 -11.03 0.31 -5.44
N THR A 4 -10.91 -0.95 -5.85
CA THR A 4 -11.70 -1.47 -6.96
C THR A 4 -12.64 -2.54 -6.43
N ILE A 5 -13.94 -2.33 -6.65
CA ILE A 5 -14.96 -3.30 -6.28
C ILE A 5 -15.43 -4.03 -7.52
N THR A 6 -15.34 -5.36 -7.49
CA THR A 6 -15.90 -6.19 -8.55
C THR A 6 -17.17 -6.83 -8.02
N VAL A 7 -18.30 -6.47 -8.63
CA VAL A 7 -19.59 -7.01 -8.23
C VAL A 7 -20.04 -8.02 -9.26
N ASN A 8 -20.24 -9.26 -8.83
CA ASN A 8 -20.74 -10.32 -9.69
C ASN A 8 -22.15 -10.69 -9.32
N GLY A 9 -22.95 -11.05 -10.32
CA GLY A 9 -24.32 -11.47 -10.11
C GLY A 9 -24.80 -12.34 -11.25
N LYS A 10 -26.07 -12.69 -11.19
CA LYS A 10 -26.66 -13.57 -12.19
C LYS A 10 -28.15 -13.37 -12.19
N VAL A 11 -28.71 -13.24 -13.40
CA VAL A 11 -30.15 -13.29 -13.59
C VAL A 11 -30.48 -14.71 -14.05
N VAL A 12 -31.33 -15.39 -13.28
CA VAL A 12 -31.81 -16.70 -13.69
C VAL A 12 -33.29 -16.59 -14.08
N ALA A 13 -33.67 -17.33 -15.11
CA ALA A 13 -35.07 -17.43 -15.50
C ALA A 13 -35.64 -18.72 -14.91
N PHE B 1 31.89 -7.18 9.75
CA PHE B 1 30.52 -6.86 9.37
C PHE B 1 30.06 -7.81 8.29
N ALA B 2 29.07 -8.63 8.63
CA ALA B 2 28.52 -9.63 7.72
C ALA B 2 27.04 -9.70 8.02
N CYS B 3 26.21 -9.80 6.99
CA CYS B 3 24.76 -9.72 7.16
C CYS B 3 24.01 -10.80 6.40
N LYS B 4 22.79 -11.05 6.84
CA LYS B 4 21.86 -11.95 6.16
C LYS B 4 20.45 -11.46 6.37
N THR B 5 19.55 -11.94 5.51
CA THR B 5 18.15 -11.55 5.58
C THR B 5 17.38 -12.46 6.54
N ALA B 6 16.10 -12.16 6.72
CA ALA B 6 15.29 -12.84 7.72
C ALA B 6 15.24 -14.35 7.53
N ASN B 7 15.24 -14.81 6.29
CA ASN B 7 15.16 -16.24 6.02
C ASN B 7 16.54 -16.91 6.02
N GLY B 8 17.56 -16.15 6.41
CA GLY B 8 18.90 -16.66 6.55
C GLY B 8 19.81 -16.51 5.34
N THR B 9 19.36 -15.81 4.30
CA THR B 9 20.14 -15.66 3.08
C THR B 9 21.26 -14.64 3.24
N ALA B 10 22.48 -15.06 2.93
CA ALA B 10 23.63 -14.18 3.03
C ALA B 10 23.51 -12.97 2.10
N ILE B 11 23.95 -11.82 2.60
CA ILE B 11 24.15 -10.63 1.78
C ILE B 11 25.66 -10.48 1.58
N PRO B 12 26.14 -10.58 0.34
CA PRO B 12 27.59 -10.36 0.13
C PRO B 12 28.00 -8.93 0.55
N ILE B 13 29.07 -8.75 1.32
CA ILE B 13 29.44 -7.42 1.84
C ILE B 13 30.47 -6.67 0.99
N GLY B 14 30.13 -5.43 0.66
CA GLY B 14 31.06 -4.54 -0.01
C GLY B 14 31.32 -4.92 -1.45
N GLY B 15 32.23 -4.17 -2.07
CA GLY B 15 32.50 -4.32 -3.48
C GLY B 15 31.32 -3.82 -4.28
N GLY B 16 30.73 -4.72 -5.05
CA GLY B 16 29.64 -4.34 -5.93
C GLY B 16 28.33 -4.20 -5.19
N SER B 17 27.38 -3.54 -5.83
CA SER B 17 26.05 -3.39 -5.25
C SER B 17 25.42 -4.75 -5.03
N ALA B 18 24.62 -4.85 -3.98
CA ALA B 18 23.92 -6.07 -3.64
C ALA B 18 22.43 -5.84 -3.73
N ASN B 19 21.73 -6.83 -4.26
CA ASN B 19 20.28 -6.79 -4.33
C ASN B 19 19.72 -7.62 -3.20
N VAL B 20 19.04 -6.96 -2.27
CA VAL B 20 18.60 -7.57 -1.03
C VAL B 20 17.09 -7.62 -1.00
N TYR B 21 16.55 -8.84 -0.91
CA TYR B 21 15.11 -9.05 -0.97
C TYR B 21 14.53 -9.16 0.44
N VAL B 22 13.56 -8.30 0.73
CA VAL B 22 13.01 -8.20 2.07
C VAL B 22 11.49 -8.21 2.03
N ASN B 23 10.89 -8.71 3.11
CA ASN B 23 9.46 -8.60 3.28
C ASN B 23 9.12 -7.25 3.87
N LEU B 24 8.06 -6.65 3.37
CA LEU B 24 7.61 -5.39 3.93
C LEU B 24 6.13 -5.42 4.23
N ALA B 25 5.73 -4.56 5.16
CA ALA B 25 4.35 -4.47 5.60
C ALA B 25 4.04 -3.00 5.83
N PRO B 26 3.77 -2.27 4.74
CA PRO B 26 3.58 -0.82 4.87
C PRO B 26 2.32 -0.48 5.65
N ALA B 27 2.32 0.69 6.28
CA ALA B 27 1.20 1.08 7.12
C ALA B 27 1.17 2.57 7.32
N VAL B 28 -0.02 3.13 7.49
CA VAL B 28 -0.10 4.53 7.89
C VAL B 28 0.31 4.66 9.35
N ASN B 29 1.09 5.70 9.63
CA ASN B 29 1.38 6.11 11.01
C ASN B 29 1.03 7.59 11.14
N VAL B 30 1.17 8.14 12.34
CA VAL B 30 0.90 9.55 12.54
C VAL B 30 1.95 10.40 11.82
N GLY B 31 1.51 11.15 10.81
CA GLY B 31 2.35 12.10 10.12
C GLY B 31 3.23 11.54 9.02
N GLN B 32 3.34 10.22 8.96
CA GLN B 32 4.20 9.57 7.98
C GLN B 32 3.80 8.11 7.89
N ASN B 33 4.11 7.47 6.78
CA ASN B 33 3.71 6.09 6.54
C ASN B 33 4.91 5.17 6.46
N LEU B 34 4.86 4.06 7.19
CA LEU B 34 5.92 3.07 7.11
C LEU B 34 5.88 2.43 5.73
N VAL B 35 7.03 2.41 5.07
CA VAL B 35 7.20 1.65 3.85
C VAL B 35 7.77 0.27 4.19
N VAL B 36 8.88 0.26 4.90
CA VAL B 36 9.50 -0.99 5.30
C VAL B 36 10.34 -0.84 6.55
N ASP B 37 10.12 -1.76 7.49
CA ASP B 37 10.97 -1.89 8.67
C ASP B 37 12.04 -2.94 8.38
N LEU B 38 13.25 -2.46 8.10
CA LEU B 38 14.35 -3.36 7.77
C LEU B 38 14.97 -4.03 8.97
N SER B 39 14.63 -3.55 10.17
CA SER B 39 15.21 -4.11 11.38
C SER B 39 14.73 -5.54 11.64
N THR B 40 13.66 -5.95 10.98
CA THR B 40 13.19 -7.32 11.08
C THR B 40 13.63 -8.16 9.89
N GLN B 41 14.36 -7.52 8.96
CA GLN B 41 14.66 -8.14 7.68
C GLN B 41 16.14 -8.34 7.41
N ILE B 42 17.00 -7.56 8.07
CA ILE B 42 18.44 -7.60 7.86
C ILE B 42 19.14 -7.68 9.20
N PHE B 43 19.99 -8.69 9.35
CA PHE B 43 20.66 -9.01 10.60
C PHE B 43 22.16 -9.16 10.35
N CYS B 44 22.96 -8.49 11.17
CA CYS B 44 24.39 -8.40 10.93
C CYS B 44 25.19 -8.80 12.16
N HIS B 45 26.45 -9.15 11.94
CA HIS B 45 27.33 -9.50 13.04
C HIS B 45 28.78 -9.24 12.64
N ASN B 46 29.65 -9.46 13.61
CA ASN B 46 31.07 -9.23 13.49
C ASN B 46 31.74 -10.58 13.71
N ASP B 47 32.58 -11.00 12.78
CA ASP B 47 33.24 -12.30 12.89
C ASP B 47 34.52 -12.27 13.74
N TYR B 48 34.95 -11.08 14.15
CA TYR B 48 36.16 -10.93 14.96
C TYR B 48 35.93 -10.06 16.19
N PRO B 49 34.94 -10.43 17.02
CA PRO B 49 34.51 -9.64 18.18
C PRO B 49 35.62 -9.36 19.19
N GLU B 50 36.54 -10.30 19.34
CA GLU B 50 37.57 -10.18 20.36
C GLU B 50 38.53 -9.03 20.09
N THR B 51 38.64 -8.65 18.82
CA THR B 51 39.72 -7.75 18.41
C THR B 51 39.31 -6.59 17.50
N ILE B 52 38.12 -6.67 16.91
CA ILE B 52 37.65 -5.66 15.97
C ILE B 52 36.25 -5.19 16.34
N THR B 53 36.01 -3.89 16.21
CA THR B 53 34.67 -3.33 16.29
C THR B 53 34.34 -2.68 14.96
N ASP B 54 33.16 -3.01 14.43
CA ASP B 54 32.69 -2.47 13.16
C ASP B 54 31.75 -1.29 13.38
N TYR B 55 31.84 -0.29 12.51
CA TYR B 55 30.93 0.87 12.53
C TYR B 55 30.27 1.01 11.16
N VAL B 56 28.96 1.20 11.12
CA VAL B 56 28.24 1.33 9.86
C VAL B 56 27.28 2.50 9.92
N THR B 57 27.38 3.37 8.93
CA THR B 57 26.48 4.50 8.79
C THR B 57 25.70 4.38 7.49
N LEU B 58 24.62 5.14 7.42
CA LEU B 58 23.87 5.33 6.18
C LEU B 58 24.33 6.66 5.59
N GLN B 59 24.75 6.61 4.33
CA GLN B 59 25.33 7.77 3.68
C GLN B 59 24.29 8.62 2.97
N ARG B 60 24.65 9.89 2.79
CA ARG B 60 23.90 10.82 1.96
C ARG B 60 23.63 10.21 0.58
N GLY B 61 22.46 10.52 0.03
CA GLY B 61 22.10 10.06 -1.30
C GLY B 61 21.31 8.77 -1.31
N SER B 62 21.07 8.20 -0.13
CA SER B 62 20.17 7.05 -0.02
C SER B 62 18.75 7.54 -0.27
N ALA B 63 17.96 6.79 -1.03
CA ALA B 63 16.67 7.28 -1.50
C ALA B 63 15.76 6.14 -1.95
N TYR B 64 14.49 6.45 -2.14
CA TYR B 64 13.59 5.49 -2.77
C TYR B 64 13.98 5.27 -4.22
N GLY B 65 13.59 4.11 -4.73
CA GLY B 65 13.81 3.77 -6.13
C GLY B 65 12.52 3.28 -6.74
N GLY B 66 12.57 3.01 -8.02
CA GLY B 66 11.44 2.43 -8.72
C GLY B 66 10.20 3.29 -8.60
N VAL B 67 9.07 2.66 -8.34
CA VAL B 67 7.81 3.37 -8.31
C VAL B 67 7.69 4.35 -7.14
N LEU B 68 8.56 4.23 -6.15
CA LEU B 68 8.59 5.17 -5.03
C LEU B 68 9.60 6.30 -5.22
N SER B 69 10.29 6.34 -6.36
CA SER B 69 11.41 7.26 -6.51
CA SER B 69 11.39 7.27 -6.58
C SER B 69 11.03 8.74 -6.37
N SER B 70 9.80 9.10 -6.71
CA SER B 70 9.40 10.49 -6.64
C SER B 70 8.97 10.94 -5.24
N PHE B 71 8.90 10.00 -4.30
CA PHE B 71 8.42 10.29 -2.96
C PHE B 71 9.56 10.60 -2.00
N SER B 72 9.25 11.40 -1.00
CA SER B 72 10.19 11.70 0.07
CA SER B 72 10.18 11.70 0.07
C SER B 72 9.60 11.27 1.41
N GLY B 73 10.40 11.33 2.45
CA GLY B 73 9.94 10.94 3.76
C GLY B 73 11.04 11.04 4.80
N THR B 74 11.18 10.00 5.61
CA THR B 74 12.18 9.97 6.65
C THR B 74 12.75 8.57 6.77
N VAL B 75 13.93 8.49 7.37
CA VAL B 75 14.52 7.22 7.74
C VAL B 75 14.78 7.26 9.23
N LYS B 76 14.35 6.20 9.90
CA LYS B 76 14.68 6.00 11.31
C LYS B 76 15.91 5.11 11.32
N TYR B 77 17.03 5.66 11.78
CA TYR B 77 18.32 4.95 11.80
C TYR B 77 18.80 4.90 13.24
N ASN B 78 18.85 3.70 13.79
CA ASN B 78 19.36 3.49 15.14
C ASN B 78 18.63 4.37 16.16
N GLY B 79 17.32 4.53 15.98
CA GLY B 79 16.48 5.16 16.98
C GLY B 79 16.23 6.64 16.79
N SER B 80 16.85 7.25 15.78
CA SER B 80 16.63 8.67 15.49
C SER B 80 16.13 8.81 14.06
N SER B 81 15.44 9.92 13.79
CA SER B 81 14.85 10.14 12.48
CA SER B 81 14.82 10.17 12.49
C SER B 81 15.60 11.22 11.70
N TYR B 82 15.74 10.98 10.40
CA TYR B 82 16.42 11.89 9.49
C TYR B 82 15.64 12.00 8.20
N PRO B 83 15.81 13.10 7.48
CA PRO B 83 15.19 13.22 6.15
C PRO B 83 15.63 12.09 5.22
N PHE B 84 14.71 11.70 4.34
CA PHE B 84 14.95 10.68 3.34
C PHE B 84 14.30 11.19 2.06
N PRO B 85 15.04 11.31 0.94
CA PRO B 85 16.45 10.95 0.74
C PRO B 85 17.40 11.59 1.74
N THR B 86 18.43 10.84 2.10
CA THR B 86 19.34 11.32 3.13
C THR B 86 20.17 12.47 2.59
N THR B 87 20.35 13.48 3.44
CA THR B 87 21.08 14.69 3.07
C THR B 87 22.35 14.86 3.90
N SER B 88 22.61 13.91 4.79
CA SER B 88 23.86 13.88 5.54
C SER B 88 24.10 12.43 5.92
N GLU B 89 25.31 12.14 6.35
CA GLU B 89 25.65 10.81 6.86
C GLU B 89 25.06 10.68 8.26
N THR B 90 24.46 9.53 8.55
CA THR B 90 23.90 9.30 9.87
C THR B 90 25.01 8.99 10.86
N PRO B 91 24.68 9.05 12.16
CA PRO B 91 25.56 8.43 13.16
C PRO B 91 25.70 6.94 12.88
N ARG B 92 26.67 6.33 13.53
CA ARG B 92 26.99 4.93 13.28
C ARG B 92 26.18 3.96 14.14
N VAL B 93 26.06 2.74 13.64
CA VAL B 93 25.66 1.59 14.43
C VAL B 93 26.92 0.77 14.65
N VAL B 94 27.05 0.26 15.87
CA VAL B 94 28.22 -0.51 16.27
C VAL B 94 27.91 -2.01 16.23
N TYR B 95 28.79 -2.77 15.60
CA TYR B 95 28.71 -4.24 15.61
C TYR B 95 29.97 -4.78 16.24
N ASN B 96 29.81 -5.40 17.40
CA ASN B 96 30.97 -5.95 18.09
C ASN B 96 30.86 -7.46 18.18
N SER B 97 29.65 -7.94 18.42
CA SER B 97 29.41 -9.34 18.75
C SER B 97 29.27 -10.25 17.54
N ARG B 98 29.53 -11.54 17.77
CA ARG B 98 29.29 -12.59 16.78
C ARG B 98 27.80 -12.91 16.69
N THR B 99 27.06 -12.52 17.72
CA THR B 99 25.62 -12.70 17.77
C THR B 99 24.96 -11.72 16.81
N ASP B 100 23.99 -12.19 16.04
CA ASP B 100 23.26 -11.32 15.14
C ASP B 100 22.57 -10.18 15.83
N LYS B 101 22.61 -9.02 15.19
CA LYS B 101 21.95 -7.83 15.66
C LYS B 101 21.25 -7.20 14.46
N PRO B 102 20.03 -6.71 14.64
CA PRO B 102 19.36 -6.07 13.50
C PRO B 102 20.12 -4.89 12.93
N TRP B 103 19.91 -4.62 11.66
CA TRP B 103 20.29 -3.35 11.08
C TRP B 103 19.09 -2.43 11.34
N PRO B 104 19.26 -1.44 12.23
CA PRO B 104 18.11 -0.74 12.81
C PRO B 104 17.61 0.41 11.92
N VAL B 105 16.92 0.03 10.85
CA VAL B 105 16.53 0.97 9.82
C VAL B 105 15.07 0.76 9.43
N ALA B 106 14.32 1.85 9.37
CA ALA B 106 12.97 1.83 8.84
C ALA B 106 12.78 3.05 7.97
N LEU B 107 12.08 2.84 6.86
CA LEU B 107 11.86 3.86 5.84
C LEU B 107 10.41 4.29 5.84
N TYR B 108 10.19 5.60 5.85
CA TYR B 108 8.86 6.20 5.92
C TYR B 108 8.64 7.15 4.76
N LEU B 109 7.37 7.38 4.45
CA LEU B 109 6.97 8.21 3.35
C LEU B 109 6.08 9.34 3.85
N THR B 110 6.31 10.54 3.35
CA THR B 110 5.45 11.68 3.67
C THR B 110 4.14 11.59 2.90
N PRO B 111 3.01 11.62 3.61
CA PRO B 111 1.73 11.48 2.90
C PRO B 111 1.43 12.64 1.96
N VAL B 112 0.84 12.30 0.81
CA VAL B 112 0.48 13.28 -0.20
C VAL B 112 -0.98 13.18 -0.64
N SER B 113 -1.67 12.12 -0.21
CA SER B 113 -3.06 11.89 -0.60
C SER B 113 -3.91 11.68 0.65
N SER B 114 -5.19 11.34 0.46
CA SER B 114 -6.08 11.03 1.56
CA SER B 114 -6.09 11.03 1.55
CA SER B 114 -6.03 11.03 1.61
C SER B 114 -5.99 9.54 1.93
N ALA B 115 -6.22 8.68 0.95
CA ALA B 115 -6.17 7.23 1.17
C ALA B 115 -5.59 6.49 -0.04
N GLY B 116 -4.72 7.15 -0.77
CA GLY B 116 -4.12 6.54 -1.94
C GLY B 116 -3.12 5.46 -1.63
N GLY B 117 -2.72 4.74 -2.67
CA GLY B 117 -1.75 3.68 -2.52
C GLY B 117 -0.94 3.51 -3.79
N VAL B 118 0.26 2.97 -3.63
CA VAL B 118 1.13 2.62 -4.74
C VAL B 118 1.47 1.15 -4.62
N ALA B 119 1.12 0.38 -5.64
CA ALA B 119 1.41 -1.05 -5.63
C ALA B 119 2.89 -1.32 -5.85
N ILE B 120 3.43 -2.21 -5.03
CA ILE B 120 4.79 -2.69 -5.20
C ILE B 120 4.73 -4.21 -5.32
N LYS B 121 5.05 -4.73 -6.51
CA LYS B 121 5.05 -6.16 -6.73
C LYS B 121 6.36 -6.80 -6.28
N ALA B 122 6.28 -8.04 -5.82
CA ALA B 122 7.48 -8.79 -5.48
C ALA B 122 8.45 -8.72 -6.66
N GLY B 123 9.72 -8.47 -6.35
CA GLY B 123 10.75 -8.35 -7.36
C GLY B 123 11.06 -6.91 -7.76
N SER B 124 10.27 -5.95 -7.30
CA SER B 124 10.44 -4.53 -7.62
CA SER B 124 10.52 -4.58 -7.68
C SER B 124 11.37 -3.84 -6.64
N LEU B 125 12.07 -2.84 -7.13
CA LEU B 125 12.95 -2.02 -6.31
C LEU B 125 12.15 -1.10 -5.41
N ILE B 126 12.56 -1.03 -4.15
CA ILE B 126 11.98 -0.16 -3.14
C ILE B 126 12.87 1.04 -2.86
N ALA B 127 14.16 0.79 -2.62
CA ALA B 127 15.08 1.82 -2.15
C ALA B 127 16.52 1.47 -2.48
N VAL B 128 17.34 2.50 -2.50
CA VAL B 128 18.77 2.36 -2.75
C VAL B 128 19.46 2.98 -1.55
N LEU B 129 20.15 2.13 -0.79
CA LEU B 129 20.78 2.56 0.45
C LEU B 129 22.28 2.47 0.27
N ILE B 130 22.97 3.53 0.68
CA ILE B 130 24.41 3.61 0.59
C ILE B 130 24.96 3.53 2.00
N LEU B 131 25.80 2.53 2.24
CA LEU B 131 26.35 2.26 3.57
C LEU B 131 27.84 2.59 3.58
N ARG B 132 28.34 3.00 4.74
CA ARG B 132 29.76 3.26 4.91
C ARG B 132 30.24 2.51 6.14
N GLN B 133 31.27 1.70 5.93
CA GLN B 133 31.80 0.82 6.96
C GLN B 133 33.23 1.21 7.32
N THR B 134 33.45 1.38 8.62
CA THR B 134 34.75 1.68 9.17
C THR B 134 34.96 0.78 10.40
N ASN B 135 36.07 0.96 11.10
CA ASN B 135 36.33 0.14 12.27
C ASN B 135 37.17 0.90 13.28
N ASN B 136 37.54 0.24 14.37
CA ASN B 136 38.23 0.92 15.46
C ASN B 136 39.74 0.71 15.48
N TYR B 137 40.33 0.18 14.40
CA TYR B 137 41.77 -0.13 14.45
C TYR B 137 42.62 0.25 13.24
N ASN B 138 42.03 0.40 12.05
CA ASN B 138 42.84 0.82 10.90
C ASN B 138 42.08 1.83 10.06
N SER B 139 42.62 2.18 8.90
CA SER B 139 42.03 3.21 8.06
C SER B 139 40.95 2.72 7.09
N ASP B 140 40.56 1.44 7.17
CA ASP B 140 39.59 0.91 6.21
C ASP B 140 38.29 1.69 6.26
N ASP B 141 37.87 2.19 5.10
CA ASP B 141 36.73 3.07 5.00
C ASP B 141 36.14 2.82 3.63
N PHE B 142 35.06 2.05 3.59
CA PHE B 142 34.47 1.62 2.34
C PHE B 142 32.99 1.83 2.32
N GLN B 143 32.51 2.26 1.16
CA GLN B 143 31.11 2.53 0.95
C GLN B 143 30.57 1.60 -0.11
N PHE B 144 29.35 1.13 0.08
CA PHE B 144 28.75 0.18 -0.83
C PHE B 144 27.25 0.33 -0.81
N VAL B 145 26.59 -0.32 -1.77
CA VAL B 145 25.20 -0.08 -2.08
C VAL B 145 24.37 -1.32 -1.84
N TRP B 146 23.24 -1.13 -1.15
CA TRP B 146 22.22 -2.16 -1.02
C TRP B 146 20.97 -1.67 -1.73
N ASN B 147 20.62 -2.39 -2.78
CA ASN B 147 19.38 -2.18 -3.49
C ASN B 147 18.33 -3.07 -2.83
N ILE B 148 17.32 -2.42 -2.25
CA ILE B 148 16.32 -3.13 -1.46
C ILE B 148 15.14 -3.46 -2.37
N TYR B 149 14.84 -4.74 -2.51
CA TYR B 149 13.76 -5.23 -3.35
C TYR B 149 12.67 -5.86 -2.52
N ALA B 150 11.43 -5.72 -2.99
CA ALA B 150 10.30 -6.36 -2.34
C ALA B 150 10.31 -7.87 -2.56
N ASN B 151 10.13 -8.61 -1.48
CA ASN B 151 9.99 -10.05 -1.54
C ASN B 151 8.53 -10.49 -1.67
N ASN B 152 7.62 -9.55 -1.42
CA ASN B 152 6.18 -9.83 -1.39
C ASN B 152 5.40 -8.66 -1.98
N ASP B 153 4.24 -8.95 -2.56
CA ASP B 153 3.38 -7.90 -3.11
C ASP B 153 2.75 -7.08 -1.99
N VAL B 154 2.82 -5.76 -2.09
CA VAL B 154 2.18 -4.88 -1.13
C VAL B 154 1.61 -3.67 -1.83
N VAL B 155 0.82 -2.89 -1.09
CA VAL B 155 0.42 -1.56 -1.51
C VAL B 155 0.90 -0.60 -0.42
N VAL B 156 1.73 0.34 -0.81
CA VAL B 156 2.23 1.35 0.10
C VAL B 156 1.19 2.48 0.18
N PRO B 157 0.67 2.76 1.38
CA PRO B 157 -0.27 3.87 1.49
C PRO B 157 0.45 5.20 1.33
N THR B 158 -0.17 6.13 0.61
CA THR B 158 0.42 7.44 0.39
C THR B 158 -0.39 8.54 1.07
N GLY B 159 -1.37 8.16 1.90
CA GLY B 159 -2.23 9.13 2.55
C GLY B 159 -2.25 9.02 4.06
N GLY B 160 -3.21 9.71 4.67
CA GLY B 160 -3.41 9.63 6.11
C GLY B 160 -4.26 8.45 6.56
N CYS B 161 -4.86 7.76 5.60
CA CYS B 161 -5.89 6.77 5.88
C CYS B 161 -5.64 5.54 5.02
N ASP B 162 -6.13 4.40 5.48
CA ASP B 162 -5.96 3.15 4.73
C ASP B 162 -7.25 2.35 4.77
N VAL B 163 -7.33 1.37 3.88
CA VAL B 163 -8.59 0.67 3.63
C VAL B 163 -8.46 -0.79 4.01
N SER B 164 -9.61 -1.42 4.22
CA SER B 164 -9.65 -2.83 4.57
C SER B 164 -9.14 -3.73 3.44
N ALA B 165 -9.35 -3.29 2.20
CA ALA B 165 -8.89 -4.01 1.02
C ALA B 165 -8.79 -3.03 -0.13
N ARG B 166 -7.81 -3.24 -1.00
CA ARG B 166 -7.66 -2.42 -2.21
C ARG B 166 -8.45 -2.99 -3.37
N ASP B 167 -8.77 -4.28 -3.28
CA ASP B 167 -9.57 -4.97 -4.30
C ASP B 167 -10.57 -5.84 -3.56
N VAL B 168 -11.85 -5.56 -3.82
CA VAL B 168 -12.94 -6.23 -3.13
C VAL B 168 -13.81 -6.90 -4.17
N THR B 169 -14.15 -8.17 -3.94
CA THR B 169 -15.09 -8.87 -4.81
C THR B 169 -16.31 -9.27 -4.00
N VAL B 170 -17.49 -8.96 -4.51
CA VAL B 170 -18.73 -9.42 -3.88
C VAL B 170 -19.59 -10.13 -4.89
N THR B 171 -20.39 -11.06 -4.39
CA THR B 171 -21.30 -11.82 -5.23
C THR B 171 -22.73 -11.58 -4.77
N LEU B 172 -23.51 -11.01 -5.66
CA LEU B 172 -24.94 -10.82 -5.40
C LEU B 172 -25.65 -12.16 -5.35
N PRO B 173 -26.73 -12.25 -4.57
CA PRO B 173 -27.60 -13.42 -4.75
C PRO B 173 -28.22 -13.34 -6.12
N ASP B 174 -28.92 -14.39 -6.54
CA ASP B 174 -29.70 -14.33 -7.77
C ASP B 174 -30.54 -13.07 -7.79
N TYR B 175 -30.62 -12.44 -8.97
CA TYR B 175 -31.54 -11.34 -9.20
C TYR B 175 -32.91 -11.69 -8.66
N PRO B 176 -33.59 -10.77 -7.95
CA PRO B 176 -33.23 -9.37 -7.69
C PRO B 176 -32.56 -9.10 -6.33
N GLY B 177 -31.83 -10.06 -5.78
CA GLY B 177 -31.22 -9.90 -4.46
C GLY B 177 -30.11 -8.87 -4.36
N SER B 178 -29.75 -8.53 -3.12
CA SER B 178 -28.73 -7.54 -2.82
CA SER B 178 -28.71 -7.55 -2.85
C SER B 178 -27.67 -8.15 -1.91
N VAL B 179 -26.54 -7.46 -1.76
CA VAL B 179 -25.48 -7.94 -0.88
C VAL B 179 -24.69 -6.75 -0.32
N PRO B 180 -24.39 -6.77 0.99
CA PRO B 180 -23.50 -5.72 1.53
C PRO B 180 -22.11 -5.83 0.94
N ILE B 181 -21.45 -4.69 0.79
CA ILE B 181 -20.05 -4.67 0.36
C ILE B 181 -19.17 -4.39 1.57
N PRO B 182 -18.38 -5.39 1.98
CA PRO B 182 -17.50 -5.17 3.13
C PRO B 182 -16.32 -4.29 2.72
N LEU B 183 -16.30 -3.06 3.21
CA LEU B 183 -15.23 -2.12 2.86
C LEU B 183 -15.23 -1.01 3.90
N THR B 184 -14.09 -0.83 4.55
CA THR B 184 -13.94 0.14 5.62
C THR B 184 -12.65 0.94 5.41
N VAL B 185 -12.56 2.05 6.14
CA VAL B 185 -11.40 2.92 6.10
C VAL B 185 -11.09 3.37 7.53
N TYR B 186 -9.80 3.57 7.81
CA TYR B 186 -9.38 4.14 9.09
C TYR B 186 -8.25 5.10 8.81
N CYS B 187 -7.97 5.95 9.79
CA CYS B 187 -6.91 6.94 9.64
C CYS B 187 -5.97 6.93 10.85
N ALA B 188 -4.70 7.29 10.61
CA ALA B 188 -3.69 7.26 11.67
C ALA B 188 -3.99 8.27 12.77
N LYS B 189 -4.56 9.40 12.40
CA LYS B 189 -5.17 10.34 13.33
C LYS B 189 -6.53 10.72 12.74
N SER B 190 -7.37 11.42 13.49
CA SER B 190 -8.69 11.76 12.99
CA SER B 190 -8.69 11.76 12.98
C SER B 190 -8.60 12.61 11.73
N GLN B 191 -9.36 12.21 10.70
CA GLN B 191 -9.45 12.96 9.45
C GLN B 191 -10.89 13.02 9.01
N ASN B 192 -11.27 14.09 8.33
CA ASN B 192 -12.59 14.23 7.76
C ASN B 192 -12.56 13.74 6.33
N LEU B 193 -13.30 12.65 6.08
CA LEU B 193 -13.25 11.94 4.81
C LEU B 193 -14.56 11.90 4.06
N GLY B 194 -14.45 11.93 2.75
CA GLY B 194 -15.54 11.56 1.86
C GLY B 194 -15.05 10.58 0.82
N TYR B 195 -15.97 10.05 0.02
CA TYR B 195 -15.57 9.19 -1.09
C TYR B 195 -16.54 9.32 -2.25
N TYR B 196 -16.05 8.97 -3.44
CA TYR B 196 -16.92 8.91 -4.60
C TYR B 196 -16.62 7.68 -5.43
N LEU B 197 -17.62 7.29 -6.22
CA LEU B 197 -17.56 6.13 -7.08
C LEU B 197 -17.18 6.53 -8.50
N SER B 198 -16.48 5.62 -9.18
CA SER B 198 -16.06 5.79 -10.57
C SER B 198 -16.47 4.56 -11.36
N GLY B 199 -16.82 4.77 -12.62
CA GLY B 199 -17.10 3.66 -13.50
C GLY B 199 -18.01 4.08 -14.64
N THR B 200 -18.29 3.12 -15.51
CA THR B 200 -19.16 3.33 -16.65
CA THR B 200 -19.17 3.34 -16.64
C THR B 200 -20.59 3.01 -16.26
N THR B 201 -21.50 3.95 -16.54
CA THR B 201 -22.89 3.79 -16.17
C THR B 201 -23.78 3.68 -17.41
N ALA B 202 -25.01 3.24 -17.19
CA ALA B 202 -25.92 2.85 -18.26
C ALA B 202 -27.20 3.66 -18.26
N ASP B 203 -27.36 4.59 -17.33
CA ASP B 203 -28.67 5.19 -17.07
C ASP B 203 -28.66 6.70 -16.99
N ALA B 204 -29.85 7.27 -17.15
CA ALA B 204 -30.06 8.70 -17.03
C ALA B 204 -29.59 9.26 -15.69
N GLY B 205 -29.68 8.45 -14.64
CA GLY B 205 -29.31 8.89 -13.30
C GLY B 205 -27.83 8.74 -12.99
N ASN B 206 -27.06 8.21 -13.93
CA ASN B 206 -25.62 8.02 -13.74
C ASN B 206 -25.35 7.23 -12.46
N SER B 207 -26.15 6.19 -12.24
CA SER B 207 -26.14 5.48 -10.98
C SER B 207 -26.20 3.96 -11.15
N ILE B 208 -26.32 3.49 -12.37
CA ILE B 208 -26.33 2.06 -12.64
C ILE B 208 -25.11 1.73 -13.46
N PHE B 209 -24.17 1.01 -12.85
CA PHE B 209 -22.95 0.63 -13.54
C PHE B 209 -23.26 -0.46 -14.54
N THR B 210 -22.70 -0.32 -15.72
CA THR B 210 -23.00 -1.22 -16.83
CA THR B 210 -23.01 -1.23 -16.83
C THR B 210 -22.60 -2.66 -16.51
N ASN B 211 -23.33 -3.60 -17.10
CA ASN B 211 -22.99 -5.01 -16.98
C ASN B 211 -21.94 -5.33 -18.02
N THR B 212 -20.73 -5.60 -17.56
CA THR B 212 -19.62 -5.89 -18.45
C THR B 212 -19.19 -7.36 -18.40
N ALA B 213 -20.08 -8.23 -17.89
CA ALA B 213 -19.82 -9.67 -17.88
C ALA B 213 -19.48 -10.16 -19.28
N SER B 214 -18.41 -10.93 -19.40
CA SER B 214 -17.90 -11.35 -20.70
C SER B 214 -18.73 -12.46 -21.34
N PHE B 215 -19.08 -13.47 -20.56
CA PHE B 215 -19.79 -14.63 -21.08
CA PHE B 215 -19.79 -14.65 -21.07
C PHE B 215 -21.27 -14.63 -20.70
N SER B 216 -22.11 -14.91 -21.70
CA SER B 216 -23.56 -15.04 -21.55
C SER B 216 -24.14 -13.95 -20.65
N PRO B 217 -23.90 -12.67 -20.99
CA PRO B 217 -24.36 -11.60 -20.11
C PRO B 217 -25.87 -11.42 -20.13
N ALA B 218 -26.42 -11.12 -18.97
CA ALA B 218 -27.81 -10.71 -18.87
C ALA B 218 -27.97 -9.40 -19.63
N GLN B 219 -29.18 -9.11 -20.08
CA GLN B 219 -29.49 -7.82 -20.68
C GLN B 219 -30.46 -7.08 -19.78
N GLY B 220 -30.45 -5.75 -19.87
CA GLY B 220 -31.45 -4.94 -19.21
C GLY B 220 -31.19 -4.65 -17.74
N VAL B 221 -30.01 -5.02 -17.24
CA VAL B 221 -29.69 -4.78 -15.83
CA VAL B 221 -29.69 -4.84 -15.83
C VAL B 221 -28.25 -4.35 -15.64
N GLY B 222 -28.02 -3.60 -14.57
CA GLY B 222 -26.69 -3.22 -14.15
C GLY B 222 -26.63 -3.27 -12.63
N VAL B 223 -25.54 -2.75 -12.09
CA VAL B 223 -25.30 -2.77 -10.65
C VAL B 223 -25.40 -1.37 -10.08
N GLN B 224 -26.15 -1.24 -9.00
CA GLN B 224 -26.39 0.04 -8.37
C GLN B 224 -26.03 -0.06 -6.90
N LEU B 225 -25.27 0.91 -6.40
CA LEU B 225 -24.86 0.91 -5.01
C LEU B 225 -25.69 1.88 -4.17
N THR B 226 -25.98 1.46 -2.95
CA THR B 226 -26.71 2.25 -2.00
C THR B 226 -25.99 2.30 -0.66
N ARG B 227 -26.29 3.34 0.09
CA ARG B 227 -25.83 3.49 1.46
C ARG B 227 -27.03 3.84 2.31
N ASN B 228 -27.37 2.96 3.23
CA ASN B 228 -28.57 3.12 4.06
C ASN B 228 -29.80 3.43 3.22
N GLY B 229 -29.91 2.75 2.10
CA GLY B 229 -31.08 2.85 1.23
C GLY B 229 -31.06 4.00 0.23
N THR B 230 -30.01 4.82 0.27
CA THR B 230 -29.90 5.96 -0.64
C THR B 230 -28.94 5.60 -1.77
N ILE B 231 -29.41 5.75 -3.01
CA ILE B 231 -28.62 5.46 -4.18
C ILE B 231 -27.43 6.41 -4.27
N ILE B 232 -26.27 5.86 -4.62
CA ILE B 232 -25.05 6.64 -4.80
CA ILE B 232 -25.04 6.63 -4.81
C ILE B 232 -24.70 6.70 -6.29
N PRO B 233 -24.92 7.87 -6.92
CA PRO B 233 -24.51 7.98 -8.32
C PRO B 233 -22.99 8.03 -8.44
N ALA B 234 -22.48 7.77 -9.63
CA ALA B 234 -21.07 7.94 -9.88
C ALA B 234 -20.65 9.39 -9.68
N ASN B 235 -19.44 9.60 -9.20
CA ASN B 235 -18.84 10.94 -9.14
C ASN B 235 -19.68 11.93 -8.34
N ASN B 236 -20.24 11.44 -7.25
CA ASN B 236 -20.98 12.26 -6.29
C ASN B 236 -20.46 11.90 -4.91
N THR B 237 -19.79 12.85 -4.28
CA THR B 237 -19.06 12.56 -3.05
C THR B 237 -20.00 12.37 -1.86
N VAL B 238 -19.78 11.26 -1.16
CA VAL B 238 -20.49 10.85 0.06
C VAL B 238 -19.60 11.20 1.26
N SER B 239 -20.14 11.76 2.34
CA SER B 239 -19.32 12.07 3.51
C SER B 239 -19.25 10.92 4.50
N LEU B 240 -18.08 10.70 5.08
CA LEU B 240 -17.88 9.73 6.15
C LEU B 240 -17.71 10.38 7.51
N GLY B 241 -17.84 11.70 7.56
CA GLY B 241 -17.57 12.43 8.78
C GLY B 241 -16.12 12.26 9.16
N ALA B 242 -15.83 12.21 10.46
CA ALA B 242 -14.46 12.08 10.94
C ALA B 242 -14.14 10.60 11.16
N VAL B 243 -13.04 10.17 10.59
CA VAL B 243 -12.60 8.79 10.68
C VAL B 243 -11.34 8.76 11.54
N GLY B 244 -11.39 8.00 12.62
CA GLY B 244 -10.26 7.84 13.53
C GLY B 244 -9.56 6.52 13.30
N THR B 245 -8.95 5.99 14.36
CA THR B 245 -8.05 4.86 14.20
C THR B 245 -8.78 3.52 14.09
N SER B 246 -10.06 3.48 14.48
CA SER B 246 -10.89 2.30 14.25
C SER B 246 -11.63 2.43 12.93
N ALA B 247 -11.79 1.31 12.26
CA ALA B 247 -12.36 1.29 10.93
C ALA B 247 -13.81 1.79 10.89
N VAL B 248 -14.11 2.55 9.84
CA VAL B 248 -15.43 3.09 9.59
C VAL B 248 -15.91 2.48 8.28
N SER B 249 -17.07 1.83 8.32
CA SER B 249 -17.63 1.25 7.12
C SER B 249 -18.11 2.33 6.17
N LEU B 250 -17.88 2.12 4.88
CA LEU B 250 -18.43 3.01 3.86
C LEU B 250 -19.93 2.84 3.71
N GLY B 251 -20.49 1.78 4.31
CA GLY B 251 -21.92 1.56 4.33
C GLY B 251 -22.52 1.13 3.01
N LEU B 252 -21.72 0.56 2.13
CA LEU B 252 -22.18 0.24 0.78
C LEU B 252 -22.88 -1.10 0.68
N THR B 253 -23.92 -1.12 -0.14
CA THR B 253 -24.64 -2.33 -0.52
C THR B 253 -24.77 -2.34 -2.04
N ALA B 254 -24.59 -3.52 -2.63
CA ALA B 254 -24.80 -3.70 -4.06
C ALA B 254 -26.18 -4.25 -4.35
N ASN B 255 -26.76 -3.74 -5.43
CA ASN B 255 -28.09 -4.13 -5.89
C ASN B 255 -28.06 -4.29 -7.40
N TYR B 256 -29.01 -5.04 -7.95
CA TYR B 256 -29.27 -4.95 -9.38
C TYR B 256 -30.26 -3.83 -9.61
N ALA B 257 -30.18 -3.20 -10.78
CA ALA B 257 -31.19 -2.23 -11.19
C ALA B 257 -31.39 -2.30 -12.70
N ARG B 258 -32.61 -2.02 -13.13
CA ARG B 258 -32.96 -2.12 -14.54
C ARG B 258 -32.50 -0.91 -15.35
N THR B 259 -32.06 -1.16 -16.58
CA THR B 259 -31.55 -0.11 -17.46
C THR B 259 -32.49 0.18 -18.64
N GLY B 260 -33.57 -0.60 -18.77
CA GLY B 260 -34.54 -0.40 -19.82
C GLY B 260 -34.60 -1.57 -20.79
N GLY B 261 -35.79 -1.81 -21.33
CA GLY B 261 -36.00 -2.98 -22.15
C GLY B 261 -36.15 -4.20 -21.26
N GLN B 262 -36.34 -5.37 -21.87
CA GLN B 262 -36.59 -6.58 -21.12
C GLN B 262 -35.33 -7.06 -20.39
N VAL B 263 -35.52 -7.58 -19.18
CA VAL B 263 -34.45 -8.25 -18.46
C VAL B 263 -34.34 -9.68 -18.97
N THR B 264 -33.12 -10.09 -19.33
CA THR B 264 -32.87 -11.45 -19.81
C THR B 264 -31.87 -12.16 -18.93
N ALA B 265 -31.92 -13.49 -18.94
CA ALA B 265 -31.08 -14.31 -18.08
C ALA B 265 -29.61 -14.23 -18.48
N GLY B 266 -28.73 -14.29 -17.50
CA GLY B 266 -27.30 -14.33 -17.78
C GLY B 266 -26.46 -13.79 -16.65
N ASN B 267 -25.16 -13.70 -16.91
CA ASN B 267 -24.21 -13.23 -15.93
C ASN B 267 -24.18 -11.71 -15.83
N VAL B 268 -23.83 -11.23 -14.65
CA VAL B 268 -23.69 -9.79 -14.40
C VAL B 268 -22.35 -9.52 -13.74
N GLN B 269 -21.64 -8.51 -14.22
CA GLN B 269 -20.44 -8.03 -13.56
C GLN B 269 -20.31 -6.54 -13.75
N SER B 270 -19.92 -5.83 -12.69
CA SER B 270 -19.58 -4.42 -12.79
C SER B 270 -18.32 -4.16 -11.97
N ILE B 271 -17.44 -3.32 -12.50
CA ILE B 271 -16.19 -2.94 -11.84
C ILE B 271 -16.29 -1.48 -11.47
N ILE B 272 -16.25 -1.19 -10.18
CA ILE B 272 -16.55 0.14 -9.66
C ILE B 272 -15.39 0.62 -8.80
N GLY B 273 -14.92 1.83 -9.07
CA GLY B 273 -13.85 2.41 -8.28
C GLY B 273 -14.38 3.23 -7.12
N VAL B 274 -13.58 3.28 -6.04
CA VAL B 274 -13.84 4.16 -4.91
C VAL B 274 -12.62 5.03 -4.70
N THR B 275 -12.82 6.34 -4.54
CA THR B 275 -11.76 7.30 -4.32
C THR B 275 -12.10 8.15 -3.11
N PHE B 276 -11.15 8.29 -2.20
CA PHE B 276 -11.33 9.08 -1.00
C PHE B 276 -10.81 10.49 -1.16
N VAL B 277 -11.45 11.42 -0.47
CA VAL B 277 -11.02 12.80 -0.42
C VAL B 277 -11.11 13.30 1.02
N TYR B 278 -10.23 14.24 1.35
CA TYR B 278 -10.36 14.98 2.59
C TYR B 278 -11.43 16.03 2.43
N GLN B 279 -12.22 16.24 3.47
CA GLN B 279 -13.26 17.25 3.47
C GLN B 279 -13.05 18.28 4.56
#